data_7B3Z
#
_entry.id   7B3Z
#
_cell.length_a   109.880
_cell.length_b   42.450
_cell.length_c   85.600
_cell.angle_alpha   90.000
_cell.angle_beta   120.860
_cell.angle_gamma   90.000
#
_symmetry.space_group_name_H-M   'C 1 2 1'
#
loop_
_entity.id
_entity.type
_entity.pdbx_description
1 polymer 'Hepatocyte growth factor receptor'
2 non-polymer 'DIMETHYL SULFOXIDE'
3 non-polymer 3-[3-(phenylmethyl)-1~{H}-pyrrolo[2,3-b]pyridin-5-yl]-4,5-dihydro-1~{H}-pyrrolo[3,4-b]pyrrol-6-one
4 water water
#
_entity_poly.entity_id   1
_entity_poly.type   'polypeptide(L)'
_entity_poly.pdbx_seq_one_letter_code
;GNTVHIDLSALNPELVQAVQHVVIGPSSLIVHFNEVIGRGHFGCVYHGTLLDNDGKKIHCAVKSLNRITDIGEVSQFLTE
GIIMKDFSHPNVLSLLGICLRSEGSPLVVLPYMKHGDLRNFIRNETHNPTVKDLIGFGLQVAKGMKYLASKKFVHRDLAA
RNCMLDEKFTVKVADFGLARDMYDKEYYSVHNKTGAKLPVKWMALESLQTQKFTTKSDVWSFGVLLWELMTRGAPPYPDV
NTFDITVYLLQGRRLLQPEYCPDPLYEVMLKCWHPKAEMRPSFSELVSRISAIFSTFIG
;
_entity_poly.pdbx_strand_id   A
#
loop_
_chem_comp.id
_chem_comp.type
_chem_comp.name
_chem_comp.formula
DMS non-polymer 'DIMETHYL SULFOXIDE' 'C2 H6 O S'
SV8 non-polymer 3-[3-(phenylmethyl)-1~{H}-pyrrolo[2,3-b]pyridin-5-yl]-4,5-dihydro-1~{H}-pyrrolo[3,4-b]pyrrol-6-one 'C20 H16 N4 O'
#
# COMPACT_ATOMS: atom_id res chain seq x y z
N LEU A 8 16.62 -27.12 1.75
CA LEU A 8 15.39 -26.95 2.52
C LEU A 8 15.30 -27.85 3.76
N SER A 9 16.13 -28.92 3.81
CA SER A 9 16.19 -29.83 4.97
C SER A 9 17.00 -29.18 6.10
N ALA A 10 17.82 -28.18 5.73
CA ALA A 10 18.70 -27.40 6.61
C ALA A 10 17.96 -26.39 7.49
N LEU A 11 16.64 -26.21 7.29
CA LEU A 11 15.86 -25.27 8.08
C LEU A 11 15.52 -25.80 9.47
N ASN A 12 15.48 -24.89 10.46
CA ASN A 12 15.14 -25.24 11.82
C ASN A 12 13.72 -25.85 11.89
N PRO A 13 13.57 -27.09 12.43
CA PRO A 13 12.24 -27.75 12.46
C PRO A 13 11.13 -27.00 13.20
N GLU A 14 11.45 -26.31 14.31
CA GLU A 14 10.37 -25.57 14.99
C GLU A 14 9.91 -24.40 14.15
N LEU A 15 10.84 -23.76 13.40
CA LEU A 15 10.47 -22.66 12.51
C LEU A 15 9.66 -23.21 11.33
N VAL A 16 10.04 -24.39 10.81
CA VAL A 16 9.30 -25.04 9.73
C VAL A 16 7.87 -25.37 10.21
N GLN A 17 7.72 -25.81 11.49
CA GLN A 17 6.37 -26.08 12.04
C GLN A 17 5.57 -24.77 12.14
N ALA A 18 6.23 -23.70 12.57
CA ALA A 18 5.60 -22.39 12.75
C ALA A 18 5.07 -21.76 11.45
N VAL A 19 5.75 -22.00 10.31
CA VAL A 19 5.34 -21.41 9.03
C VAL A 19 4.30 -22.25 8.26
N GLN A 20 3.94 -23.45 8.76
CA GLN A 20 3.05 -24.37 8.07
C GLN A 20 1.71 -23.76 7.62
N HIS A 21 1.10 -22.90 8.44
CA HIS A 21 -0.17 -22.26 8.10
C HIS A 21 -0.03 -21.16 7.04
N VAL A 22 1.21 -20.82 6.64
CA VAL A 22 1.47 -19.77 5.65
C VAL A 22 1.93 -20.42 4.34
N VAL A 23 2.50 -21.62 4.43
CA VAL A 23 3.06 -22.31 3.26
C VAL A 23 1.96 -22.87 2.34
N ILE A 24 2.13 -22.62 1.03
CA ILE A 24 1.30 -23.14 -0.03
C ILE A 24 2.11 -24.32 -0.61
N GLY A 25 1.53 -25.51 -0.54
CA GLY A 25 2.19 -26.70 -1.10
C GLY A 25 2.46 -26.52 -2.59
N PRO A 26 3.58 -27.04 -3.15
CA PRO A 26 3.83 -26.81 -4.59
C PRO A 26 2.72 -27.31 -5.52
N SER A 27 1.99 -28.39 -5.13
CA SER A 27 0.91 -28.93 -5.96
C SER A 27 -0.38 -28.09 -5.87
N SER A 28 -0.40 -27.03 -5.04
CA SER A 28 -1.59 -26.18 -4.95
C SER A 28 -1.45 -24.85 -5.71
N LEU A 29 -0.33 -24.65 -6.36
CA LEU A 29 -0.09 -23.41 -7.08
C LEU A 29 0.42 -23.64 -8.48
N ILE A 30 -0.24 -23.02 -9.46
CA ILE A 30 0.15 -23.04 -10.89
C ILE A 30 0.69 -21.62 -11.20
N VAL A 31 2.00 -21.49 -11.48
CA VAL A 31 2.60 -20.18 -11.79
C VAL A 31 2.81 -20.07 -13.30
N HIS A 32 2.31 -19.00 -13.90
CA HIS A 32 2.51 -18.77 -15.32
C HIS A 32 3.77 -17.91 -15.46
N PHE A 33 4.95 -18.57 -15.45
CA PHE A 33 6.24 -17.87 -15.50
C PHE A 33 6.50 -17.15 -16.84
N ASN A 34 5.58 -17.30 -17.78
CA ASN A 34 5.60 -16.74 -19.12
C ASN A 34 4.68 -15.55 -19.24
N GLU A 35 3.95 -15.20 -18.17
CA GLU A 35 3.00 -14.08 -18.17
C GLU A 35 3.29 -13.14 -17.01
N VAL A 36 3.91 -11.98 -17.26
CA VAL A 36 4.17 -11.03 -16.17
C VAL A 36 2.99 -10.11 -15.96
N ILE A 37 2.85 -9.60 -14.75
CA ILE A 37 1.81 -8.63 -14.45
C ILE A 37 2.43 -7.22 -14.49
N GLY A 38 1.74 -6.27 -15.11
CA GLY A 38 2.16 -4.87 -15.11
C GLY A 38 3.35 -4.45 -15.94
N ARG A 39 3.64 -5.19 -17.03
CA ARG A 39 4.69 -4.91 -18.02
C ARG A 39 6.12 -4.74 -17.45
N GLY A 40 6.41 -5.37 -16.33
CA GLY A 40 7.74 -5.30 -15.71
C GLY A 40 7.90 -4.18 -14.70
N HIS A 41 6.96 -3.19 -14.69
CA HIS A 41 7.00 -2.03 -13.78
C HIS A 41 6.92 -2.42 -12.31
N PHE A 42 6.40 -3.64 -12.04
CA PHE A 42 6.23 -4.18 -10.71
C PHE A 42 7.23 -5.31 -10.39
N GLY A 43 8.24 -5.46 -11.25
CA GLY A 43 9.27 -6.48 -11.10
C GLY A 43 8.84 -7.86 -11.58
N CYS A 44 9.48 -8.90 -11.01
CA CYS A 44 9.22 -10.30 -11.36
C CYS A 44 7.96 -10.82 -10.70
N VAL A 45 6.81 -10.36 -11.19
CA VAL A 45 5.50 -10.72 -10.68
C VAL A 45 4.68 -11.33 -11.83
N TYR A 46 4.20 -12.56 -11.62
CA TYR A 46 3.51 -13.36 -12.62
C TYR A 46 2.09 -13.69 -12.28
N HIS A 47 1.27 -14.00 -13.31
CA HIS A 47 -0.09 -14.47 -13.10
C HIS A 47 0.05 -15.89 -12.54
N GLY A 48 -0.88 -16.24 -11.66
CA GLY A 48 -0.89 -17.56 -11.07
C GLY A 48 -2.28 -18.01 -10.74
N THR A 49 -2.40 -19.30 -10.44
CA THR A 49 -3.65 -19.90 -9.99
C THR A 49 -3.37 -20.65 -8.72
N LEU A 50 -4.06 -20.26 -7.66
CA LEU A 50 -3.95 -20.90 -6.37
C LEU A 50 -5.17 -21.79 -6.18
N LEU A 51 -4.97 -23.00 -5.70
CA LEU A 51 -6.10 -23.92 -5.43
C LEU A 51 -6.30 -23.97 -3.93
N ASP A 52 -7.46 -23.53 -3.43
CA ASP A 52 -7.71 -23.60 -1.99
C ASP A 52 -8.09 -25.06 -1.59
N ASN A 53 -8.38 -25.30 -0.29
CA ASN A 53 -8.77 -26.62 0.24
C ASN A 53 -10.00 -27.24 -0.45
N ASP A 54 -10.94 -26.40 -0.93
CA ASP A 54 -12.15 -26.87 -1.61
C ASP A 54 -11.93 -27.11 -3.11
N GLY A 55 -10.75 -26.74 -3.62
CA GLY A 55 -10.43 -26.88 -5.04
C GLY A 55 -10.81 -25.69 -5.89
N LYS A 56 -11.22 -24.58 -5.25
CA LYS A 56 -11.60 -23.36 -5.96
C LYS A 56 -10.34 -22.72 -6.54
N LYS A 57 -10.41 -22.29 -7.80
CA LYS A 57 -9.31 -21.64 -8.50
C LYS A 57 -9.31 -20.14 -8.14
N ILE A 58 -8.19 -19.67 -7.58
CA ILE A 58 -8.00 -18.28 -7.17
C ILE A 58 -6.93 -17.63 -8.06
N HIS A 59 -7.29 -16.54 -8.73
CA HIS A 59 -6.36 -15.79 -9.58
C HIS A 59 -5.44 -14.99 -8.67
N CYS A 60 -4.14 -15.23 -8.77
CA CYS A 60 -3.20 -14.55 -7.89
C CYS A 60 -2.02 -13.89 -8.64
N ALA A 61 -1.27 -13.03 -7.92
CA ALA A 61 -0.07 -12.38 -8.41
C ALA A 61 1.09 -13.05 -7.66
N VAL A 62 2.04 -13.61 -8.37
CA VAL A 62 3.12 -14.39 -7.77
C VAL A 62 4.46 -13.68 -7.96
N LYS A 63 5.07 -13.25 -6.85
CA LYS A 63 6.34 -12.57 -6.86
C LYS A 63 7.47 -13.56 -6.56
N SER A 64 8.48 -13.61 -7.43
CA SER A 64 9.63 -14.47 -7.20
C SER A 64 10.68 -13.65 -6.47
N LEU A 65 11.20 -14.18 -5.35
CA LEU A 65 12.18 -13.45 -4.54
C LEU A 65 13.61 -13.92 -4.81
N ASN A 66 14.21 -13.28 -5.84
CA ASN A 66 15.55 -13.52 -6.36
C ASN A 66 16.67 -13.06 -5.41
N ARG A 67 16.37 -12.08 -4.53
CA ARG A 67 17.32 -11.53 -3.54
C ARG A 67 17.66 -12.52 -2.41
N ILE A 68 16.89 -13.63 -2.31
CA ILE A 68 17.07 -14.66 -1.28
C ILE A 68 17.85 -15.85 -1.83
N THR A 69 18.98 -16.18 -1.17
CA THR A 69 19.87 -17.27 -1.54
C THR A 69 20.21 -18.16 -0.33
N ASP A 70 20.81 -17.57 0.72
CA ASP A 70 21.25 -18.28 1.92
C ASP A 70 20.10 -18.64 2.88
N ILE A 71 20.33 -19.66 3.73
CA ILE A 71 19.39 -20.20 4.72
C ILE A 71 18.93 -19.12 5.75
N GLY A 72 19.82 -18.18 6.10
CA GLY A 72 19.54 -17.09 7.02
C GLY A 72 18.50 -16.13 6.44
N GLU A 73 18.62 -15.87 5.12
CA GLU A 73 17.70 -15.02 4.35
C GLU A 73 16.36 -15.73 4.16
N VAL A 74 16.37 -17.07 3.95
CA VAL A 74 15.18 -17.92 3.77
C VAL A 74 14.39 -17.92 5.08
N SER A 75 15.08 -18.13 6.23
CA SER A 75 14.49 -18.15 7.56
C SER A 75 13.78 -16.85 7.91
N GLN A 76 14.40 -15.68 7.58
CA GLN A 76 13.83 -14.36 7.86
C GLN A 76 12.58 -14.15 6.99
N PHE A 77 12.63 -14.62 5.74
CA PHE A 77 11.51 -14.55 4.80
C PHE A 77 10.31 -15.34 5.35
N LEU A 78 10.57 -16.52 5.94
CA LEU A 78 9.52 -17.36 6.55
C LEU A 78 8.82 -16.61 7.68
N THR A 79 9.59 -15.86 8.49
CA THR A 79 9.11 -15.05 9.60
C THR A 79 8.28 -13.86 9.13
N GLU A 80 8.72 -13.18 8.07
CA GLU A 80 7.95 -12.06 7.50
C GLU A 80 6.59 -12.58 6.95
N GLY A 81 6.58 -13.82 6.44
CA GLY A 81 5.37 -14.49 6.01
C GLY A 81 4.42 -14.74 7.18
N ILE A 82 4.96 -15.27 8.29
CA ILE A 82 4.18 -15.56 9.51
C ILE A 82 3.49 -14.27 10.04
N ILE A 83 4.23 -13.17 10.13
CA ILE A 83 3.69 -11.91 10.67
C ILE A 83 2.69 -11.30 9.70
N MET A 84 3.03 -11.23 8.40
CA MET A 84 2.11 -10.66 7.41
C MET A 84 0.81 -11.45 7.31
N LYS A 85 0.86 -12.80 7.51
CA LYS A 85 -0.35 -13.63 7.47
C LYS A 85 -1.35 -13.22 8.57
N ASP A 86 -0.89 -12.60 9.67
CA ASP A 86 -1.78 -12.15 10.74
C ASP A 86 -2.45 -10.80 10.42
N PHE A 87 -2.09 -10.19 9.28
CA PHE A 87 -2.69 -8.92 8.86
C PHE A 87 -3.65 -9.23 7.75
N SER A 88 -4.91 -8.99 8.01
CA SER A 88 -5.98 -9.18 7.05
C SER A 88 -7.08 -8.18 7.36
N HIS A 89 -7.49 -7.43 6.36
CA HIS A 89 -8.56 -6.43 6.50
C HIS A 89 -9.06 -6.22 5.09
N PRO A 90 -10.35 -5.84 4.87
CA PRO A 90 -10.83 -5.58 3.50
C PRO A 90 -10.05 -4.51 2.72
N ASN A 91 -9.35 -3.60 3.44
CA ASN A 91 -8.64 -2.48 2.79
C ASN A 91 -7.13 -2.56 2.92
N VAL A 92 -6.64 -3.79 3.09
CA VAL A 92 -5.21 -4.01 3.21
C VAL A 92 -4.91 -5.21 2.32
N LEU A 93 -3.82 -5.16 1.57
CA LEU A 93 -3.47 -6.26 0.69
C LEU A 93 -3.08 -7.45 1.55
N SER A 94 -3.80 -8.56 1.40
CA SER A 94 -3.58 -9.76 2.21
C SER A 94 -2.53 -10.66 1.59
N LEU A 95 -1.81 -11.38 2.42
CA LEU A 95 -0.88 -12.38 1.92
C LEU A 95 -1.68 -13.67 1.77
N LEU A 96 -1.64 -14.32 0.60
CA LEU A 96 -2.34 -15.60 0.44
C LEU A 96 -1.45 -16.69 1.00
N GLY A 97 -0.16 -16.56 0.78
CA GLY A 97 0.80 -17.50 1.29
C GLY A 97 2.13 -17.41 0.63
N ILE A 98 3.02 -18.32 0.99
CA ILE A 98 4.38 -18.37 0.44
C ILE A 98 4.64 -19.78 -0.08
N CYS A 99 5.53 -19.89 -1.05
CA CYS A 99 5.84 -21.18 -1.68
C CYS A 99 7.33 -21.39 -1.66
N LEU A 100 7.78 -22.51 -1.07
CA LEU A 100 9.19 -22.84 -0.98
C LEU A 100 9.50 -24.05 -1.85
N GLY A 104 14.26 -23.57 -7.09
CA GLY A 104 13.87 -22.20 -7.40
C GLY A 104 13.72 -21.31 -6.19
N SER A 105 13.82 -19.98 -6.41
CA SER A 105 13.70 -18.91 -5.41
C SER A 105 12.33 -18.92 -4.66
N PRO A 106 12.22 -18.34 -3.43
CA PRO A 106 10.92 -18.38 -2.74
C PRO A 106 9.86 -17.54 -3.45
N LEU A 107 8.58 -17.93 -3.33
CA LEU A 107 7.51 -17.18 -3.99
C LEU A 107 6.58 -16.55 -2.98
N VAL A 108 6.08 -15.36 -3.27
CA VAL A 108 5.09 -14.64 -2.43
C VAL A 108 3.82 -14.63 -3.27
N VAL A 109 2.72 -15.13 -2.72
CA VAL A 109 1.47 -15.25 -3.46
C VAL A 109 0.51 -14.21 -2.89
N LEU A 110 0.03 -13.33 -3.74
CA LEU A 110 -0.86 -12.25 -3.35
C LEU A 110 -2.13 -12.26 -4.19
N PRO A 111 -3.25 -11.73 -3.68
CA PRO A 111 -4.47 -11.66 -4.52
C PRO A 111 -4.22 -10.77 -5.72
N TYR A 112 -4.89 -11.10 -6.84
CA TYR A 112 -4.78 -10.35 -8.06
C TYR A 112 -5.63 -9.10 -7.95
N MET A 113 -5.07 -7.97 -8.39
CA MET A 113 -5.69 -6.66 -8.28
C MET A 113 -5.95 -6.25 -9.72
N LYS A 114 -7.16 -6.51 -10.20
CA LYS A 114 -7.55 -6.26 -11.60
C LYS A 114 -7.20 -4.87 -12.08
N HIS A 115 -7.44 -3.85 -11.25
CA HIS A 115 -7.24 -2.47 -11.73
C HIS A 115 -5.90 -1.83 -11.38
N GLY A 116 -4.92 -2.62 -10.99
CA GLY A 116 -3.56 -2.16 -10.71
C GLY A 116 -3.45 -1.12 -9.61
N ASP A 117 -2.49 -0.18 -9.73
CA ASP A 117 -2.30 0.82 -8.66
C ASP A 117 -3.31 1.93 -8.76
N LEU A 118 -3.68 2.49 -7.62
CA LEU A 118 -4.71 3.50 -7.54
C LEU A 118 -4.29 4.81 -8.23
N ARG A 119 -2.98 5.16 -8.23
CA ARG A 119 -2.57 6.41 -8.89
C ARG A 119 -2.80 6.33 -10.41
N ASN A 120 -2.37 5.22 -11.04
CA ASN A 120 -2.62 5.08 -12.49
C ASN A 120 -4.08 4.98 -12.84
N PHE A 121 -4.89 4.35 -11.96
CA PHE A 121 -6.33 4.21 -12.19
C PHE A 121 -7.00 5.57 -12.28
N ILE A 122 -6.73 6.44 -11.31
CA ILE A 122 -7.37 7.77 -11.28
C ILE A 122 -6.85 8.73 -12.38
N ARG A 123 -5.67 8.49 -12.91
CA ARG A 123 -5.05 9.31 -13.96
C ARG A 123 -5.58 8.87 -15.30
N ASN A 124 -6.01 7.59 -15.40
CA ASN A 124 -6.52 6.98 -16.62
C ASN A 124 -7.72 7.74 -17.18
N GLU A 125 -7.53 8.35 -18.37
CA GLU A 125 -8.53 9.14 -19.08
C GLU A 125 -9.81 8.36 -19.39
N THR A 126 -9.69 7.04 -19.62
CA THR A 126 -10.80 6.11 -19.92
C THR A 126 -11.76 6.01 -18.73
N HIS A 127 -11.22 5.74 -17.53
CA HIS A 127 -11.99 5.66 -16.30
C HIS A 127 -12.39 7.07 -15.89
N ASN A 128 -13.63 7.26 -15.46
CA ASN A 128 -14.07 8.59 -15.05
C ASN A 128 -14.62 8.55 -13.63
N PRO A 129 -13.75 8.38 -12.59
CA PRO A 129 -14.29 8.34 -11.22
C PRO A 129 -14.88 9.69 -10.86
N THR A 130 -16.00 9.69 -10.17
CA THR A 130 -16.67 10.93 -9.75
C THR A 130 -16.02 11.43 -8.47
N VAL A 131 -16.32 12.67 -8.03
CA VAL A 131 -15.81 13.21 -6.76
C VAL A 131 -16.19 12.22 -5.62
N LYS A 132 -17.45 11.72 -5.62
CA LYS A 132 -17.93 10.70 -4.64
C LYS A 132 -17.04 9.45 -4.65
N ASP A 133 -16.75 8.90 -5.85
CA ASP A 133 -15.89 7.73 -5.93
C ASP A 133 -14.50 7.96 -5.35
N LEU A 134 -13.92 9.18 -5.60
CA LEU A 134 -12.57 9.51 -5.12
C LEU A 134 -12.55 9.63 -3.63
N ILE A 135 -13.60 10.25 -3.06
CA ILE A 135 -13.73 10.37 -1.61
C ILE A 135 -13.87 8.95 -1.01
N GLY A 136 -14.67 8.11 -1.68
CA GLY A 136 -14.87 6.71 -1.28
C GLY A 136 -13.54 5.97 -1.28
N PHE A 137 -12.67 6.21 -2.30
CA PHE A 137 -11.34 5.57 -2.27
C PHE A 137 -10.51 6.06 -1.08
N GLY A 138 -10.61 7.35 -0.75
CA GLY A 138 -9.86 7.91 0.37
C GLY A 138 -10.32 7.32 1.69
N LEU A 139 -11.63 7.15 1.83
CA LEU A 139 -12.23 6.52 3.01
C LEU A 139 -11.74 5.06 3.14
N GLN A 140 -11.62 4.35 2.03
CA GLN A 140 -11.17 2.96 2.11
C GLN A 140 -9.72 2.92 2.57
N VAL A 141 -8.90 3.89 2.12
CA VAL A 141 -7.49 3.93 2.53
C VAL A 141 -7.44 4.27 4.02
N ALA A 142 -8.24 5.23 4.47
CA ALA A 142 -8.25 5.58 5.89
C ALA A 142 -8.63 4.34 6.74
N LYS A 143 -9.57 3.53 6.25
CA LYS A 143 -9.99 2.29 6.98
C LYS A 143 -8.85 1.29 7.08
N GLY A 144 -8.15 1.07 5.98
CA GLY A 144 -6.99 0.18 5.97
C GLY A 144 -5.90 0.68 6.89
N MET A 145 -5.67 2.02 6.91
CA MET A 145 -4.62 2.58 7.76
C MET A 145 -5.02 2.54 9.20
N LYS A 146 -6.30 2.75 9.48
CA LYS A 146 -6.85 2.65 10.85
C LYS A 146 -6.56 1.21 11.39
N TYR A 147 -6.78 0.22 10.54
CA TYR A 147 -6.47 -1.17 10.93
C TYR A 147 -4.96 -1.32 11.16
N LEU A 148 -4.11 -0.85 10.23
CA LEU A 148 -2.65 -0.99 10.43
C LEU A 148 -2.16 -0.28 11.69
N ALA A 149 -2.63 0.96 11.94
CA ALA A 149 -2.26 1.76 13.11
C ALA A 149 -2.69 1.09 14.41
N SER A 150 -3.85 0.38 14.38
CA SER A 150 -4.38 -0.36 15.54
C SER A 150 -3.49 -1.57 15.87
N LYS A 151 -2.69 -2.03 14.90
CA LYS A 151 -1.77 -3.17 15.06
C LYS A 151 -0.35 -2.66 15.35
N LYS A 152 -0.23 -1.33 15.57
CA LYS A 152 1.00 -0.56 15.81
C LYS A 152 1.93 -0.69 14.63
N PHE A 153 1.38 -0.81 13.40
CA PHE A 153 2.22 -0.95 12.21
C PHE A 153 2.38 0.45 11.58
N VAL A 154 3.61 0.85 11.28
CA VAL A 154 3.94 2.15 10.66
C VAL A 154 4.33 1.86 9.22
N HIS A 155 3.54 2.37 8.26
CA HIS A 155 3.76 2.09 6.85
C HIS A 155 5.05 2.72 6.29
N ARG A 156 5.29 4.04 6.51
CA ARG A 156 6.49 4.78 6.05
C ARG A 156 6.48 5.18 4.56
N ASP A 157 5.62 4.58 3.72
CA ASP A 157 5.55 4.91 2.29
C ASP A 157 4.13 4.96 1.74
N LEU A 158 3.22 5.60 2.49
CA LEU A 158 1.87 5.70 2.02
C LEU A 158 1.77 6.75 0.91
N ALA A 159 1.20 6.34 -0.23
CA ALA A 159 0.99 7.20 -1.41
C ALA A 159 0.03 6.44 -2.31
N ALA A 160 -0.66 7.14 -3.23
CA ALA A 160 -1.60 6.49 -4.13
C ALA A 160 -0.96 5.42 -5.00
N ARG A 161 0.32 5.60 -5.36
CA ARG A 161 1.03 4.59 -6.16
C ARG A 161 1.17 3.26 -5.38
N ASN A 162 1.04 3.31 -4.03
CA ASN A 162 1.24 2.15 -3.18
C ASN A 162 -0.05 1.48 -2.69
N CYS A 163 -1.19 1.81 -3.31
CA CYS A 163 -2.48 1.25 -3.01
C CYS A 163 -2.93 0.58 -4.28
N MET A 164 -3.49 -0.62 -4.18
CA MET A 164 -3.99 -1.38 -5.35
C MET A 164 -5.50 -1.37 -5.40
N LEU A 165 -6.08 -1.64 -6.56
CA LEU A 165 -7.53 -1.63 -6.72
C LEU A 165 -7.99 -2.94 -7.33
N ASP A 166 -8.94 -3.66 -6.68
CA ASP A 166 -9.37 -4.97 -7.22
C ASP A 166 -10.58 -4.85 -8.14
N GLU A 167 -11.11 -6.02 -8.60
CA GLU A 167 -12.27 -6.08 -9.54
C GLU A 167 -13.54 -5.49 -8.97
N LYS A 168 -13.67 -5.43 -7.64
CA LYS A 168 -14.88 -4.87 -7.01
C LYS A 168 -14.65 -3.41 -6.63
N PHE A 169 -13.52 -2.80 -7.09
CA PHE A 169 -13.13 -1.41 -6.79
C PHE A 169 -12.87 -1.21 -5.30
N THR A 170 -12.31 -2.25 -4.67
CA THR A 170 -11.92 -2.21 -3.27
C THR A 170 -10.48 -1.85 -3.27
N VAL A 171 -10.14 -0.82 -2.48
CA VAL A 171 -8.77 -0.34 -2.41
C VAL A 171 -8.04 -1.16 -1.38
N LYS A 172 -6.80 -1.53 -1.66
CA LYS A 172 -5.99 -2.30 -0.73
C LYS A 172 -4.68 -1.56 -0.50
N VAL A 173 -4.42 -1.13 0.74
CA VAL A 173 -3.13 -0.52 1.08
C VAL A 173 -2.10 -1.62 0.83
N ALA A 174 -1.04 -1.33 0.08
CA ALA A 174 -0.03 -2.36 -0.21
C ALA A 174 1.35 -1.85 0.17
N ASP A 175 2.42 -2.34 -0.48
CA ASP A 175 3.78 -1.91 -0.26
C ASP A 175 4.22 -2.01 1.20
N PHE A 176 3.88 -3.13 1.82
CA PHE A 176 4.32 -3.41 3.20
C PHE A 176 4.55 -4.91 3.30
N GLY A 177 5.36 -5.32 4.27
CA GLY A 177 5.67 -6.73 4.50
C GLY A 177 6.34 -7.35 3.30
N LEU A 178 5.90 -8.54 2.89
CA LEU A 178 6.44 -9.20 1.70
C LEU A 178 6.01 -8.55 0.36
N ALA A 179 5.05 -7.60 0.41
CA ALA A 179 4.59 -6.87 -0.76
C ALA A 179 5.41 -5.54 -0.94
N ARG A 180 6.53 -5.37 -0.18
CA ARG A 180 7.38 -4.18 -0.29
C ARG A 180 8.22 -4.26 -1.56
N ASP A 181 8.90 -3.12 -1.94
CA ASP A 181 9.78 -3.02 -3.11
C ASP A 181 9.05 -3.48 -4.37
N MET A 182 7.81 -3.02 -4.50
CA MET A 182 6.91 -3.36 -5.58
C MET A 182 7.27 -2.72 -6.92
N TYR A 183 8.02 -1.60 -6.90
CA TYR A 183 8.45 -0.90 -8.10
C TYR A 183 9.95 -1.05 -8.40
N ASP A 184 10.55 -2.16 -7.93
CA ASP A 184 11.98 -2.43 -8.15
C ASP A 184 12.19 -3.25 -9.43
N LYS A 185 12.57 -2.54 -10.50
CA LYS A 185 12.80 -3.10 -11.84
C LYS A 185 14.28 -3.43 -12.07
N GLU A 186 14.55 -4.48 -12.87
CA GLU A 186 15.91 -4.91 -13.21
C GLU A 186 16.40 -4.16 -14.44
N TYR A 187 17.70 -3.77 -14.44
CA TYR A 187 18.33 -3.03 -15.53
C TYR A 187 19.46 -3.83 -16.18
N TYR A 188 19.63 -3.66 -17.51
CA TYR A 188 20.69 -4.32 -18.27
C TYR A 188 21.95 -3.47 -18.33
N PRO A 199 10.58 9.04 -0.55
CA PRO A 199 9.31 9.63 -0.99
C PRO A 199 9.12 10.94 -0.23
N VAL A 200 10.11 11.86 -0.35
CA VAL A 200 10.13 13.07 0.47
C VAL A 200 8.88 13.94 0.29
N LYS A 201 8.19 13.91 -0.84
CA LYS A 201 6.99 14.78 -1.00
C LYS A 201 5.74 14.26 -0.27
N TRP A 202 5.82 13.05 0.30
CA TRP A 202 4.74 12.46 1.10
C TRP A 202 5.17 12.43 2.56
N MET A 203 6.43 12.78 2.85
CA MET A 203 6.97 12.69 4.22
C MET A 203 6.59 13.80 5.14
N ALA A 204 6.35 13.46 6.43
CA ALA A 204 6.07 14.48 7.41
C ALA A 204 7.30 15.33 7.66
N LEU A 205 7.10 16.58 8.09
CA LEU A 205 8.21 17.50 8.38
C LEU A 205 9.23 16.88 9.37
N GLU A 206 8.76 16.28 10.48
CA GLU A 206 9.68 15.67 11.46
C GLU A 206 10.43 14.47 10.88
N SER A 207 9.85 13.77 9.88
CA SER A 207 10.53 12.63 9.26
C SER A 207 11.60 13.09 8.32
N LEU A 208 11.36 14.24 7.67
CA LEU A 208 12.37 14.87 6.79
C LEU A 208 13.56 15.33 7.61
N GLN A 209 13.29 15.85 8.80
CA GLN A 209 14.30 16.41 9.70
C GLN A 209 15.06 15.39 10.53
N THR A 210 14.36 14.34 11.04
CA THR A 210 14.93 13.32 11.96
C THR A 210 15.03 11.89 11.41
N GLN A 211 14.38 11.58 10.26
CA GLN A 211 14.39 10.25 9.63
C GLN A 211 13.66 9.16 10.44
N LYS A 212 12.82 9.60 11.39
CA LYS A 212 11.99 8.77 12.28
C LYS A 212 10.54 8.82 11.78
N PHE A 213 9.86 7.67 11.79
CA PHE A 213 8.50 7.54 11.30
C PHE A 213 7.58 6.98 12.38
N THR A 214 6.35 7.51 12.46
CA THR A 214 5.33 7.14 13.42
C THR A 214 3.98 7.06 12.69
N THR A 215 2.94 6.62 13.40
CA THR A 215 1.60 6.60 12.83
C THR A 215 1.22 8.06 12.50
N LYS A 216 1.69 9.04 13.29
CA LYS A 216 1.41 10.47 13.00
C LYS A 216 2.13 10.98 11.74
N SER A 217 3.26 10.35 11.33
CA SER A 217 3.87 10.69 10.06
C SER A 217 3.12 10.00 8.92
N ASP A 218 2.50 8.80 9.18
CA ASP A 218 1.64 8.17 8.15
C ASP A 218 0.40 9.04 7.90
N VAL A 219 -0.09 9.71 8.92
CA VAL A 219 -1.29 10.60 8.80
C VAL A 219 -0.95 11.75 7.81
N TRP A 220 0.27 12.27 7.91
CA TRP A 220 0.70 13.34 7.00
C TRP A 220 0.69 12.79 5.57
N SER A 221 1.27 11.60 5.36
CA SER A 221 1.30 10.97 4.02
C SER A 221 -0.10 10.73 3.53
N PHE A 222 -1.01 10.36 4.44
CA PHE A 222 -2.41 10.13 4.07
C PHE A 222 -3.04 11.40 3.51
N GLY A 223 -2.77 12.52 4.16
CA GLY A 223 -3.21 13.84 3.69
C GLY A 223 -2.71 14.12 2.28
N VAL A 224 -1.47 13.76 1.98
CA VAL A 224 -0.94 13.93 0.60
C VAL A 224 -1.65 12.96 -0.37
N LEU A 225 -1.94 11.72 0.10
CA LEU A 225 -2.67 10.77 -0.77
C LEU A 225 -4.08 11.31 -1.06
N LEU A 226 -4.72 11.91 -0.05
CA LEU A 226 -6.04 12.48 -0.28
C LEU A 226 -5.98 13.57 -1.32
N TRP A 227 -4.92 14.41 -1.30
CA TRP A 227 -4.74 15.47 -2.30
C TRP A 227 -4.53 14.83 -3.69
N GLU A 228 -3.74 13.74 -3.76
CA GLU A 228 -3.55 13.00 -5.02
C GLU A 228 -4.92 12.54 -5.54
N LEU A 229 -5.81 11.98 -4.66
CA LEU A 229 -7.12 11.55 -5.12
C LEU A 229 -7.92 12.67 -5.67
N MET A 230 -8.03 13.78 -4.92
CA MET A 230 -8.89 14.88 -5.34
C MET A 230 -8.36 15.66 -6.57
N THR A 231 -7.09 15.44 -6.98
CA THR A 231 -6.53 16.09 -8.17
C THR A 231 -6.43 15.08 -9.30
N ARG A 232 -7.00 13.86 -9.08
CA ARG A 232 -6.96 12.75 -10.04
CA ARG A 232 -6.96 12.76 -10.03
C ARG A 232 -5.51 12.36 -10.41
N GLY A 233 -4.64 12.32 -9.41
CA GLY A 233 -3.26 11.88 -9.59
C GLY A 233 -2.23 12.90 -10.02
N ALA A 234 -2.48 14.19 -9.74
CA ALA A 234 -1.51 15.23 -10.06
C ALA A 234 -0.26 15.01 -9.16
N PRO A 235 0.96 15.33 -9.64
CA PRO A 235 2.15 15.20 -8.77
C PRO A 235 2.18 16.32 -7.73
N PRO A 236 2.42 16.01 -6.44
CA PRO A 236 2.45 17.10 -5.43
C PRO A 236 3.68 18.00 -5.58
N TYR A 237 3.54 19.32 -5.33
CA TYR A 237 4.66 20.29 -5.36
C TYR A 237 5.51 20.16 -6.62
N PRO A 238 4.90 20.24 -7.81
CA PRO A 238 5.68 20.00 -9.03
C PRO A 238 6.79 21.02 -9.29
N ASP A 239 6.68 22.23 -8.73
CA ASP A 239 7.72 23.25 -8.95
C ASP A 239 8.77 23.30 -7.83
N VAL A 240 8.67 22.39 -6.84
CA VAL A 240 9.60 22.36 -5.69
C VAL A 240 10.54 21.17 -5.78
N ASN A 241 11.85 21.43 -5.67
CA ASN A 241 12.89 20.38 -5.70
C ASN A 241 12.71 19.55 -4.40
N THR A 242 13.03 18.24 -4.44
CA THR A 242 12.92 17.40 -3.24
C THR A 242 13.84 17.94 -2.11
N PHE A 243 14.97 18.58 -2.48
CA PHE A 243 15.84 19.17 -1.46
C PHE A 243 15.13 20.32 -0.75
N ASP A 244 14.40 21.15 -1.48
CA ASP A 244 13.75 22.35 -0.93
C ASP A 244 12.47 22.14 -0.20
N ILE A 245 11.94 20.90 -0.16
CA ILE A 245 10.63 20.62 0.50
C ILE A 245 10.63 20.99 1.95
N THR A 246 11.71 20.65 2.69
CA THR A 246 11.80 20.96 4.11
C THR A 246 11.56 22.45 4.38
N VAL A 247 12.35 23.34 3.72
CA VAL A 247 12.22 24.79 3.94
C VAL A 247 10.85 25.28 3.45
N TYR A 248 10.39 24.75 2.32
CA TYR A 248 9.06 25.11 1.78
C TYR A 248 7.99 24.85 2.85
N LEU A 249 8.03 23.66 3.50
CA LEU A 249 7.08 23.36 4.59
C LEU A 249 7.30 24.23 5.82
N LEU A 250 8.57 24.51 6.20
CA LEU A 250 8.85 25.36 7.38
C LEU A 250 8.39 26.79 7.17
N GLN A 251 8.25 27.22 5.91
CA GLN A 251 7.75 28.57 5.61
C GLN A 251 6.25 28.64 5.83
N GLY A 252 5.62 27.47 6.02
CA GLY A 252 4.17 27.38 6.21
C GLY A 252 3.41 27.26 4.91
N ARG A 253 4.09 26.83 3.85
CA ARG A 253 3.43 26.60 2.55
C ARG A 253 2.92 25.12 2.51
N ARG A 254 1.76 24.88 1.85
CA ARG A 254 1.16 23.54 1.80
C ARG A 254 0.52 23.36 0.45
N LEU A 255 0.18 22.11 0.11
CA LEU A 255 -0.54 21.78 -1.11
C LEU A 255 -1.87 22.51 -1.06
N LEU A 256 -2.28 23.11 -2.17
CA LEU A 256 -3.51 23.93 -2.21
C LEU A 256 -4.78 23.13 -2.39
N GLN A 257 -5.92 23.74 -2.06
CA GLN A 257 -7.18 23.03 -2.21
C GLN A 257 -7.48 22.71 -3.68
N PRO A 258 -7.65 21.41 -4.05
CA PRO A 258 -8.00 21.06 -5.43
C PRO A 258 -9.37 21.61 -5.81
N GLU A 259 -9.56 21.87 -7.10
CA GLU A 259 -10.75 22.45 -7.70
C GLU A 259 -12.09 21.89 -7.22
N TYR A 260 -12.29 20.58 -7.19
CA TYR A 260 -13.64 20.14 -6.80
C TYR A 260 -13.71 19.41 -5.44
N CYS A 261 -12.71 19.67 -4.61
CA CYS A 261 -12.57 19.11 -3.29
C CYS A 261 -13.48 19.85 -2.30
N PRO A 262 -14.44 19.18 -1.60
CA PRO A 262 -15.31 19.93 -0.67
C PRO A 262 -14.49 20.58 0.43
N ASP A 263 -14.91 21.74 0.91
CA ASP A 263 -14.19 22.43 1.98
C ASP A 263 -13.92 21.55 3.20
N PRO A 264 -14.90 20.78 3.75
CA PRO A 264 -14.60 19.96 4.95
C PRO A 264 -13.50 18.93 4.69
N LEU A 265 -13.44 18.41 3.49
CA LEU A 265 -12.39 17.43 3.19
C LEU A 265 -11.01 18.09 3.10
N TYR A 266 -10.95 19.32 2.55
CA TYR A 266 -9.66 19.99 2.53
C TYR A 266 -9.25 20.38 3.95
N GLU A 267 -10.23 20.74 4.84
CA GLU A 267 -9.89 21.04 6.24
C GLU A 267 -9.21 19.82 6.89
N VAL A 268 -9.69 18.61 6.57
CA VAL A 268 -9.14 17.34 7.06
C VAL A 268 -7.71 17.19 6.52
N MET A 269 -7.49 17.41 5.23
CA MET A 269 -6.13 17.37 4.61
C MET A 269 -5.15 18.31 5.32
N LEU A 270 -5.56 19.57 5.57
CA LEU A 270 -4.70 20.56 6.22
C LEU A 270 -4.31 20.14 7.62
N LYS A 271 -5.25 19.53 8.38
CA LYS A 271 -5.01 19.00 9.74
C LYS A 271 -3.94 17.92 9.69
N CYS A 272 -3.91 17.11 8.61
CA CYS A 272 -2.88 16.08 8.44
C CYS A 272 -1.48 16.67 8.31
N TRP A 273 -1.36 17.95 7.89
CA TRP A 273 -0.06 18.54 7.67
C TRP A 273 0.37 19.51 8.78
N HIS A 274 -0.26 19.41 9.94
CA HIS A 274 0.12 20.29 11.05
C HIS A 274 1.55 19.97 11.42
N PRO A 275 2.42 21.00 11.62
CA PRO A 275 3.83 20.71 11.95
C PRO A 275 4.02 19.97 13.27
N LYS A 276 3.03 20.02 14.18
CA LYS A 276 3.09 19.32 15.47
C LYS A 276 2.35 17.98 15.29
N ALA A 277 3.09 16.87 15.27
CA ALA A 277 2.53 15.51 15.09
C ALA A 277 1.33 15.22 16.00
N GLU A 278 1.39 15.62 17.27
CA GLU A 278 0.33 15.38 18.23
C GLU A 278 -0.96 16.13 17.91
N MET A 279 -0.91 17.16 17.04
CA MET A 279 -2.08 17.96 16.64
C MET A 279 -2.78 17.36 15.42
N ARG A 280 -2.15 16.39 14.75
CA ARG A 280 -2.75 15.76 13.59
C ARG A 280 -3.85 14.78 14.03
N PRO A 281 -4.90 14.55 13.21
CA PRO A 281 -5.96 13.59 13.62
C PRO A 281 -5.41 12.18 13.64
N SER A 282 -6.07 11.24 14.36
CA SER A 282 -5.73 9.81 14.36
C SER A 282 -6.38 9.24 13.10
N PHE A 283 -6.03 8.01 12.69
CA PHE A 283 -6.76 7.41 11.58
C PHE A 283 -8.21 7.13 11.96
N SER A 284 -8.53 6.88 13.26
CA SER A 284 -9.93 6.72 13.69
C SER A 284 -10.72 7.99 13.39
N GLU A 285 -10.14 9.17 13.73
CA GLU A 285 -10.76 10.46 13.48
C GLU A 285 -10.93 10.65 11.99
N LEU A 286 -9.90 10.28 11.21
CA LEU A 286 -9.98 10.43 9.75
C LEU A 286 -11.12 9.58 9.17
N VAL A 287 -11.26 8.30 9.60
CA VAL A 287 -12.35 7.44 9.10
C VAL A 287 -13.70 8.11 9.47
N SER A 288 -13.81 8.60 10.69
CA SER A 288 -15.04 9.25 11.17
C SER A 288 -15.42 10.44 10.32
N ARG A 289 -14.48 11.41 10.20
CA ARG A 289 -14.75 12.62 9.45
C ARG A 289 -15.04 12.36 7.99
N ILE A 290 -14.20 11.54 7.34
CA ILE A 290 -14.39 11.24 5.94
C ILE A 290 -15.66 10.43 5.68
N SER A 291 -16.03 9.47 6.58
CA SER A 291 -17.28 8.72 6.38
C SER A 291 -18.46 9.66 6.34
N ALA A 292 -18.49 10.65 7.27
CA ALA A 292 -19.60 11.63 7.28
C ALA A 292 -19.62 12.51 6.02
N ILE A 293 -18.43 12.88 5.47
CA ILE A 293 -18.39 13.67 4.24
C ILE A 293 -18.86 12.82 3.06
N PHE A 294 -18.38 11.58 3.00
CA PHE A 294 -18.77 10.65 1.94
C PHE A 294 -20.29 10.43 1.93
N SER A 295 -20.91 10.28 3.12
CA SER A 295 -22.35 10.04 3.22
CA SER A 295 -22.35 10.05 3.22
C SER A 295 -23.23 11.18 2.64
N THR A 296 -22.67 12.39 2.42
CA THR A 296 -23.43 13.51 1.83
C THR A 296 -23.74 13.32 0.34
N PHE A 297 -22.97 12.45 -0.34
CA PHE A 297 -23.10 12.23 -1.79
C PHE A 297 -24.16 11.20 -2.15
S DMS B . 4.03 24.27 -6.23
O DMS B . 5.00 23.33 -6.79
C1 DMS B . 3.23 23.51 -4.89
C2 DMS B . 4.91 25.52 -5.34
C1 SV8 C . 4.36 -6.79 -7.11
C2 SV8 C . 3.07 -6.28 -7.08
C3 SV8 C . 2.41 -6.11 -5.86
C7 SV8 C . -0.01 -6.50 -6.42
C8 SV8 C . -0.55 -7.61 -5.83
C9 SV8 C . -1.46 -7.52 -7.85
C10 SV8 C . -0.59 -6.43 -7.73
C11 SV8 C . -0.48 -5.58 -8.82
C12 SV8 C . -1.23 -5.85 -9.97
C13 SV8 C . -2.08 -6.96 -9.96
C14 SV8 C . -1.15 -4.96 -11.15
C15 SV8 C . -0.24 -3.94 -11.30
C16 SV8 C . -1.52 -3.90 -13.13
C19 SV8 C . -2.34 -3.83 -14.36
O SV8 C . -2.21 -3.03 -15.28
N2 SV8 C . -0.47 -3.31 -12.47
N3 SV8 C . -3.28 -4.84 -14.23
C18 SV8 C . -3.15 -5.60 -13.01
C17 SV8 C . -1.99 -4.95 -12.31
N1 SV8 C . -2.21 -7.80 -8.93
N SV8 C . -1.43 -8.22 -6.68
C6 SV8 C . 1.00 -5.55 -5.82
C4 SV8 C . 3.07 -6.46 -4.69
C5 SV8 C . 4.36 -6.97 -4.73
C SV8 C . 5.00 -7.14 -5.94
#